data_6DJ3
#
_entry.id   6DJ3
#
_cell.length_a   110.582
_cell.length_b   110.582
_cell.length_c   84.604
_cell.angle_alpha   90.00
_cell.angle_beta   90.00
_cell.angle_gamma   120.00
#
_symmetry.space_group_name_H-M   'P 32 2 1'
#
loop_
_entity.id
_entity.type
_entity.pdbx_description
1 polymer 'Metal transporter CNNM2'
2 non-polymer 1,2-ETHANEDIOL
3 water water
#
_entity_poly.entity_id   1
_entity_poly.type   'polypeptide(L)'
_entity_poly.pdbx_seq_one_letter_code
;GPLGSTDLYTDNRTKKKVAHRERKQDFSAFKQTDSEMKVKISPQLLLAMHRFLATEVEAFSPSQMSEKILLRLLKHPNVI
QELKYDEKNKKAPEYYLYQRNKPVDYFVLILQGKVEVEAGKEGMKFEASAFSYYGVMALTASPVIDAVTPTLGSSNNQLN
SSLLQVYIPDYSVRALSDLQFVKISRQQYQNALMASRMD
;
_entity_poly.pdbx_strand_id   A,B
#
# COMPACT_ATOMS: atom_id res chain seq x y z
N VAL A 39 10.56 -4.35 -29.49
CA VAL A 39 9.17 -4.33 -29.04
C VAL A 39 8.33 -3.50 -30.00
N LYS A 40 7.42 -4.15 -30.72
CA LYS A 40 6.55 -3.49 -31.68
C LYS A 40 5.20 -3.22 -31.04
N ILE A 41 4.75 -1.97 -31.10
CA ILE A 41 3.46 -1.57 -30.56
C ILE A 41 2.71 -0.77 -31.62
N SER A 42 1.38 -0.84 -31.55
CA SER A 42 0.55 -0.19 -32.55
C SER A 42 0.61 1.33 -32.38
N PRO A 43 0.43 2.08 -33.47
CA PRO A 43 0.40 3.55 -33.34
C PRO A 43 -0.66 4.03 -32.37
N GLN A 44 -1.80 3.33 -32.28
CA GLN A 44 -2.85 3.75 -31.36
C GLN A 44 -2.36 3.71 -29.92
N LEU A 45 -1.72 2.61 -29.53
CA LEU A 45 -1.21 2.52 -28.16
C LEU A 45 -0.17 3.59 -27.89
N LEU A 46 0.70 3.87 -28.87
CA LEU A 46 1.71 4.89 -28.69
C LEU A 46 1.07 6.25 -28.47
N LEU A 47 -0.03 6.53 -29.18
CA LEU A 47 -0.73 7.80 -28.99
C LEU A 47 -1.39 7.86 -27.62
N ALA A 48 -1.99 6.75 -27.18
CA ALA A 48 -2.68 6.74 -25.89
C ALA A 48 -1.72 7.06 -24.76
N MET A 49 -0.59 6.36 -24.69
CA MET A 49 0.38 6.62 -23.64
C MET A 49 0.97 8.02 -23.76
N HIS A 50 1.18 8.49 -24.98
CA HIS A 50 1.69 9.84 -25.17
C HIS A 50 0.70 10.87 -24.63
N ARG A 51 -0.57 10.75 -25.01
CA ARG A 51 -1.58 11.70 -24.56
C ARG A 51 -1.75 11.65 -23.04
N PHE A 52 -1.70 10.45 -22.46
CA PHE A 52 -1.88 10.32 -21.03
C PHE A 52 -0.77 11.03 -20.27
N LEU A 53 0.48 10.72 -20.60
CA LEU A 53 1.61 11.35 -19.90
C LEU A 53 1.58 12.86 -20.06
N ALA A 54 1.37 13.33 -21.29
CA ALA A 54 1.41 14.77 -21.56
C ALA A 54 0.34 15.54 -20.82
N THR A 55 -0.76 14.89 -20.43
CA THR A 55 -1.88 15.56 -19.78
C THR A 55 -2.00 15.23 -18.30
N GLU A 56 -1.67 14.01 -17.88
CA GLU A 56 -1.85 13.59 -16.50
C GLU A 56 -0.59 13.74 -15.66
N VAL A 57 0.59 13.51 -16.23
CA VAL A 57 1.85 13.59 -15.51
C VAL A 57 2.52 14.92 -15.85
N GLU A 58 2.71 15.76 -14.83
CA GLU A 58 3.29 17.08 -15.06
C GLU A 58 4.72 16.98 -15.56
N ALA A 59 5.45 15.93 -15.17
CA ALA A 59 6.82 15.77 -15.62
C ALA A 59 6.92 15.76 -17.14
N PHE A 60 5.88 15.28 -17.82
CA PHE A 60 5.86 15.24 -19.28
C PHE A 60 4.88 16.26 -19.86
N SER A 61 4.51 17.28 -19.08
CA SER A 61 3.61 18.30 -19.58
C SER A 61 4.27 19.07 -20.73
N PRO A 62 3.47 19.59 -21.67
CA PRO A 62 4.06 20.41 -22.75
C PRO A 62 4.90 21.57 -22.24
N SER A 63 4.67 22.05 -21.01
CA SER A 63 5.50 23.10 -20.47
C SER A 63 6.93 22.61 -20.22
N GLN A 64 7.06 21.38 -19.72
CA GLN A 64 8.38 20.85 -19.42
C GLN A 64 9.03 20.21 -20.63
N MET A 65 8.24 19.54 -21.48
CA MET A 65 8.80 18.74 -22.57
C MET A 65 7.88 18.84 -23.78
N SER A 66 8.44 19.28 -24.90
CA SER A 66 7.66 19.37 -26.13
C SER A 66 7.13 18.00 -26.52
N GLU A 67 5.94 17.98 -27.13
CA GLU A 67 5.33 16.72 -27.52
C GLU A 67 6.14 16.00 -28.59
N LYS A 68 6.86 16.75 -29.42
CA LYS A 68 7.71 16.12 -30.42
C LYS A 68 8.81 15.30 -29.75
N ILE A 69 9.47 15.88 -28.74
CA ILE A 69 10.54 15.17 -28.05
C ILE A 69 9.99 14.00 -27.26
N LEU A 70 8.86 14.21 -26.57
CA LEU A 70 8.25 13.14 -25.80
C LEU A 70 8.01 11.92 -26.69
N LEU A 71 7.41 12.13 -27.85
CA LEU A 71 7.15 11.01 -28.76
C LEU A 71 8.44 10.31 -29.16
N ARG A 72 9.49 11.07 -29.43
CA ARG A 72 10.78 10.46 -29.73
C ARG A 72 11.29 9.66 -28.54
N LEU A 73 11.12 10.19 -27.33
CA LEU A 73 11.57 9.48 -26.14
C LEU A 73 10.84 8.15 -25.99
N LEU A 74 9.54 8.12 -26.30
CA LEU A 74 8.78 6.88 -26.18
C LEU A 74 9.18 5.88 -27.25
N LYS A 75 9.49 6.36 -28.46
CA LYS A 75 9.97 5.49 -29.53
C LYS A 75 11.43 5.11 -29.36
N HIS A 76 12.12 5.68 -28.38
CA HIS A 76 13.51 5.31 -28.14
C HIS A 76 13.59 3.82 -27.84
N PRO A 77 14.64 3.13 -28.29
CA PRO A 77 14.73 1.69 -28.04
C PRO A 77 14.82 1.36 -26.56
N ASN A 78 14.12 0.30 -26.16
CA ASN A 78 14.10 -0.25 -24.82
C ASN A 78 13.40 0.63 -23.80
N VAL A 79 12.84 1.78 -24.21
CA VAL A 79 11.99 2.54 -23.29
C VAL A 79 10.68 1.78 -23.08
N ILE A 80 10.13 1.20 -24.14
CA ILE A 80 9.00 0.31 -24.04
C ILE A 80 9.52 -1.12 -23.95
N GLN A 81 9.11 -1.84 -22.91
CA GLN A 81 9.63 -3.18 -22.64
C GLN A 81 8.48 -4.13 -22.35
N GLU A 82 8.78 -5.42 -22.46
CA GLU A 82 7.84 -6.47 -22.13
C GLU A 82 8.50 -7.41 -21.12
N LEU A 83 7.69 -8.29 -20.56
CA LEU A 83 8.16 -9.21 -19.52
C LEU A 83 7.28 -10.44 -19.51
N LYS A 84 7.85 -11.60 -19.82
CA LYS A 84 7.11 -12.85 -19.80
C LYS A 84 7.03 -13.39 -18.38
N TYR A 85 5.82 -13.78 -17.97
CA TYR A 85 5.58 -14.21 -16.60
C TYR A 85 5.72 -15.72 -16.50
N ASP A 86 6.33 -16.18 -15.39
CA ASP A 86 6.56 -17.60 -15.12
C ASP A 86 5.89 -17.93 -13.80
N GLU A 87 4.81 -18.73 -13.86
CA GLU A 87 4.10 -19.11 -12.64
C GLU A 87 5.03 -19.82 -11.66
N LYS A 88 6.05 -20.51 -12.17
CA LYS A 88 6.97 -21.21 -11.28
C LYS A 88 7.89 -20.24 -10.56
N ASN A 89 8.44 -19.27 -11.29
CA ASN A 89 9.35 -18.28 -10.74
C ASN A 89 8.65 -16.94 -10.51
N LYS A 90 7.48 -16.99 -9.86
CA LYS A 90 6.72 -15.76 -9.62
C LYS A 90 7.50 -14.80 -8.73
N LYS A 91 8.20 -15.31 -7.73
CA LYS A 91 8.99 -14.49 -6.81
C LYS A 91 10.43 -14.30 -7.27
N ALA A 92 10.66 -14.25 -8.58
CA ALA A 92 12.00 -14.07 -9.11
C ALA A 92 12.39 -12.59 -9.11
N PRO A 93 13.69 -12.29 -9.06
CA PRO A 93 14.11 -10.89 -9.08
C PRO A 93 13.79 -10.17 -10.39
N GLU A 94 13.72 -10.91 -11.50
CA GLU A 94 13.40 -10.31 -12.78
C GLU A 94 11.97 -9.82 -12.88
N TYR A 95 11.11 -10.16 -11.92
CA TYR A 95 9.71 -9.75 -11.94
C TYR A 95 9.43 -8.63 -10.94
N TYR A 96 10.46 -8.00 -10.38
CA TYR A 96 10.32 -6.88 -9.46
C TYR A 96 10.73 -5.60 -10.17
N LEU A 97 9.74 -4.78 -10.54
CA LEU A 97 10.04 -3.48 -11.13
C LEU A 97 10.54 -2.50 -10.06
N TYR A 98 10.11 -2.66 -8.82
CA TYR A 98 10.57 -1.82 -7.72
C TYR A 98 10.61 -2.66 -6.45
N GLN A 99 11.62 -2.39 -5.61
CA GLN A 99 11.76 -3.06 -4.33
C GLN A 99 11.89 -1.99 -3.26
N ARG A 100 11.11 -2.12 -2.18
CA ARG A 100 11.10 -1.11 -1.14
C ARG A 100 12.50 -0.96 -0.54
N ASN A 101 12.88 0.29 -0.25
CA ASN A 101 14.18 0.59 0.32
C ASN A 101 15.33 0.14 -0.57
N LYS A 102 15.11 0.13 -1.88
CA LYS A 102 16.14 -0.17 -2.86
C LYS A 102 16.28 1.00 -3.81
N PRO A 103 17.39 1.74 -3.80
CA PRO A 103 17.51 2.91 -4.68
C PRO A 103 17.20 2.56 -6.13
N VAL A 104 16.52 3.48 -6.81
CA VAL A 104 16.13 3.32 -8.20
C VAL A 104 16.19 4.68 -8.87
N ASP A 105 16.36 4.67 -10.19
CA ASP A 105 16.54 5.92 -10.94
C ASP A 105 15.71 5.92 -12.23
N TYR A 106 14.57 5.25 -12.25
CA TYR A 106 13.75 5.20 -13.45
C TYR A 106 12.28 5.27 -13.09
N PHE A 107 11.49 5.64 -14.10
CA PHE A 107 10.05 5.80 -14.01
C PHE A 107 9.38 4.70 -14.84
N VAL A 108 8.21 4.27 -14.40
CA VAL A 108 7.49 3.18 -15.06
C VAL A 108 6.04 3.60 -15.30
N LEU A 109 5.51 3.19 -16.45
CA LEU A 109 4.10 3.35 -16.77
C LEU A 109 3.61 2.02 -17.33
N ILE A 110 2.79 1.32 -16.55
CA ILE A 110 2.23 0.06 -17.00
C ILE A 110 1.29 0.32 -18.17
N LEU A 111 1.49 -0.42 -19.26
CA LEU A 111 0.59 -0.35 -20.41
C LEU A 111 -0.38 -1.52 -20.46
N GLN A 112 0.11 -2.73 -20.20
CA GLN A 112 -0.74 -3.92 -20.18
C GLN A 112 -0.20 -4.88 -19.14
N GLY A 113 -1.12 -5.56 -18.45
CA GLY A 113 -0.74 -6.55 -17.45
C GLY A 113 -1.14 -6.11 -16.06
N LYS A 114 -0.86 -6.99 -15.10
CA LYS A 114 -1.19 -6.77 -13.71
C LYS A 114 0.08 -6.86 -12.86
N VAL A 115 0.14 -6.03 -11.83
CA VAL A 115 1.25 -6.03 -10.89
C VAL A 115 0.69 -6.01 -9.48
N GLU A 116 1.43 -6.60 -8.55
CA GLU A 116 1.11 -6.53 -7.13
C GLU A 116 2.00 -5.47 -6.50
N VAL A 117 1.38 -4.59 -5.71
CA VAL A 117 2.08 -3.46 -5.09
C VAL A 117 2.07 -3.66 -3.60
N GLU A 118 3.26 -3.60 -2.98
CA GLU A 118 3.44 -3.73 -1.54
C GLU A 118 3.82 -2.37 -0.99
N ALA A 119 2.88 -1.71 -0.33
CA ALA A 119 3.04 -0.32 0.09
C ALA A 119 3.18 -0.23 1.60
N GLY A 120 4.11 0.62 2.06
CA GLY A 120 4.16 0.99 3.45
C GLY A 120 4.95 0.03 4.31
N LYS A 121 5.00 0.35 5.60
CA LYS A 121 5.72 -0.49 6.57
C LYS A 121 5.14 -1.88 6.62
N GLU A 122 3.81 -2.01 6.61
CA GLU A 122 3.16 -3.30 6.71
C GLU A 122 3.06 -4.03 5.38
N GLY A 123 3.54 -3.41 4.29
CA GLY A 123 3.48 -4.05 2.99
C GLY A 123 2.06 -4.36 2.57
N MET A 124 1.18 -3.36 2.63
CA MET A 124 -0.20 -3.55 2.24
C MET A 124 -0.29 -3.84 0.75
N LYS A 125 -0.80 -5.03 0.43
CA LYS A 125 -0.83 -5.49 -0.96
C LYS A 125 -2.11 -5.06 -1.64
N PHE A 126 -1.99 -4.68 -2.92
CA PHE A 126 -3.13 -4.34 -3.76
C PHE A 126 -2.70 -4.46 -5.21
N GLU A 127 -3.68 -4.50 -6.10
CA GLU A 127 -3.45 -4.74 -7.51
C GLU A 127 -3.51 -3.44 -8.30
N ALA A 128 -2.60 -3.30 -9.25
CA ALA A 128 -2.55 -2.16 -10.15
C ALA A 128 -2.41 -2.67 -11.57
N SER A 129 -3.00 -1.94 -12.51
CA SER A 129 -3.03 -2.40 -13.90
C SER A 129 -2.54 -1.32 -14.86
N ALA A 130 -3.16 -1.23 -16.04
CA ALA A 130 -2.67 -0.33 -17.07
C ALA A 130 -2.70 1.12 -16.64
N PHE A 131 -1.70 1.87 -17.07
CA PHE A 131 -1.61 3.32 -16.87
C PHE A 131 -1.48 3.71 -15.40
N SER A 132 -1.05 2.78 -14.55
CA SER A 132 -0.56 3.11 -13.23
C SER A 132 0.95 3.31 -13.32
N TYR A 133 1.43 4.46 -12.85
CA TYR A 133 2.82 4.83 -12.99
C TYR A 133 3.49 4.96 -11.63
N TYR A 134 4.81 4.85 -11.65
CA TYR A 134 5.61 4.77 -10.43
C TYR A 134 6.94 5.49 -10.63
N GLY A 135 7.41 6.15 -9.58
CA GLY A 135 8.77 6.66 -9.56
C GLY A 135 9.01 7.93 -10.36
N VAL A 136 8.01 8.81 -10.43
CA VAL A 136 8.22 10.09 -11.13
C VAL A 136 9.31 10.89 -10.45
N MET A 137 9.37 10.83 -9.11
CA MET A 137 10.36 11.61 -8.37
C MET A 137 11.78 11.25 -8.77
N ALA A 138 12.00 10.01 -9.22
CA ALA A 138 13.33 9.63 -9.71
C ALA A 138 13.78 10.53 -10.86
N LEU A 139 12.84 11.06 -11.64
CA LEU A 139 13.16 11.88 -12.80
C LEU A 139 13.28 13.36 -12.46
N THR A 140 12.29 13.91 -11.76
CA THR A 140 12.17 15.35 -11.58
C THR A 140 12.90 15.87 -10.36
N ALA A 141 13.47 14.99 -9.54
CA ALA A 141 14.21 15.44 -8.37
C ALA A 141 15.35 16.36 -8.80
N SER A 142 15.51 17.49 -8.09
CA SER A 142 16.54 18.46 -8.41
C SER A 142 17.82 18.15 -7.66
N PRO A 143 19.00 18.49 -8.23
CA PRO A 143 20.27 18.21 -7.56
C PRO A 143 20.50 19.05 -6.31
N ASN A 160 32.57 12.22 -6.98
CA ASN A 160 33.71 11.47 -6.47
C ASN A 160 33.68 11.38 -4.94
N SER A 161 33.94 12.52 -4.30
CA SER A 161 33.93 12.59 -2.84
C SER A 161 32.61 13.10 -2.27
N SER A 162 31.61 13.32 -3.12
CA SER A 162 30.30 13.78 -2.69
C SER A 162 29.34 12.61 -2.50
N LEU A 163 28.22 12.90 -1.86
CA LEU A 163 27.15 11.92 -1.74
C LEU A 163 26.32 11.93 -3.02
N LEU A 164 25.29 11.08 -3.05
CA LEU A 164 24.46 10.92 -4.24
C LEU A 164 23.00 10.99 -3.81
N GLN A 165 22.24 11.85 -4.47
CA GLN A 165 20.80 11.93 -4.27
C GLN A 165 20.12 10.82 -5.06
N VAL A 166 19.36 9.99 -4.36
CA VAL A 166 18.71 8.83 -4.97
C VAL A 166 17.24 8.87 -4.60
N TYR A 167 16.44 8.17 -5.40
CA TYR A 167 15.03 7.98 -5.11
C TYR A 167 14.84 6.56 -4.58
N ILE A 168 14.26 6.46 -3.38
CA ILE A 168 14.08 5.17 -2.72
C ILE A 168 12.58 4.94 -2.58
N PRO A 169 12.00 3.96 -3.28
CA PRO A 169 10.55 3.79 -3.20
C PRO A 169 10.13 3.17 -1.88
N ASP A 170 9.06 3.71 -1.31
CA ASP A 170 8.42 3.14 -0.12
C ASP A 170 7.41 2.07 -0.49
N TYR A 171 7.73 1.25 -1.49
CA TYR A 171 6.81 0.25 -1.99
C TYR A 171 7.59 -0.74 -2.86
N SER A 172 6.90 -1.82 -3.25
CA SER A 172 7.44 -2.80 -4.17
C SER A 172 6.40 -3.10 -5.23
N VAL A 173 6.86 -3.44 -6.44
CA VAL A 173 5.98 -3.74 -7.56
C VAL A 173 6.43 -5.05 -8.17
N ARG A 174 5.58 -6.07 -8.11
CA ARG A 174 5.86 -7.39 -8.61
C ARG A 174 4.89 -7.74 -9.74
N ALA A 175 5.39 -8.44 -10.74
CA ALA A 175 4.57 -8.80 -11.90
C ALA A 175 3.70 -10.01 -11.57
N LEU A 176 2.40 -9.89 -11.83
CA LEU A 176 1.47 -10.99 -11.69
C LEU A 176 1.18 -11.69 -13.01
N SER A 177 1.49 -11.04 -14.13
CA SER A 177 1.23 -11.59 -15.45
C SER A 177 2.19 -10.94 -16.43
N ASP A 178 2.06 -11.30 -17.70
CA ASP A 178 2.85 -10.66 -18.75
C ASP A 178 2.67 -9.14 -18.66
N LEU A 179 3.78 -8.42 -18.78
CA LEU A 179 3.79 -6.97 -18.62
C LEU A 179 4.32 -6.31 -19.88
N GLN A 180 3.63 -5.25 -20.30
CA GLN A 180 4.14 -4.30 -21.27
C GLN A 180 4.08 -2.93 -20.62
N PHE A 181 5.21 -2.24 -20.58
CA PHE A 181 5.31 -1.03 -19.77
C PHE A 181 6.37 -0.11 -20.34
N VAL A 182 6.33 1.14 -19.89
CA VAL A 182 7.32 2.15 -20.24
C VAL A 182 8.37 2.19 -19.14
N LYS A 183 9.61 2.46 -19.53
CA LYS A 183 10.71 2.59 -18.58
C LYS A 183 11.57 3.76 -19.04
N ILE A 184 11.56 4.85 -18.26
CA ILE A 184 12.31 6.06 -18.59
C ILE A 184 13.22 6.37 -17.41
N SER A 185 14.52 6.41 -17.65
CA SER A 185 15.48 6.70 -16.61
C SER A 185 15.60 8.21 -16.40
N ARG A 186 16.14 8.59 -15.23
CA ARG A 186 16.40 10.00 -14.96
C ARG A 186 17.25 10.62 -16.04
N GLN A 187 18.28 9.90 -16.51
CA GLN A 187 19.17 10.45 -17.53
C GLN A 187 18.43 10.65 -18.85
N GLN A 188 17.63 9.66 -19.26
CA GLN A 188 16.86 9.82 -20.48
C GLN A 188 15.89 11.00 -20.37
N TYR A 189 15.29 11.18 -19.19
CA TYR A 189 14.35 12.27 -19.00
C TYR A 189 15.04 13.62 -19.02
N GLN A 190 16.17 13.75 -18.32
CA GLN A 190 16.88 15.02 -18.28
C GLN A 190 17.38 15.40 -19.66
N ASN A 191 17.81 14.42 -20.46
CA ASN A 191 18.22 14.72 -21.83
C ASN A 191 17.03 15.17 -22.67
N ALA A 192 15.86 14.58 -22.43
CA ALA A 192 14.67 14.99 -23.16
C ALA A 192 14.30 16.43 -22.86
N LEU A 193 14.48 16.86 -21.60
CA LEU A 193 14.22 18.25 -21.26
C LEU A 193 15.16 19.19 -22.01
N MET A 194 16.46 18.89 -21.98
CA MET A 194 17.41 19.74 -22.69
C MET A 194 17.09 19.83 -24.18
N ALA A 195 16.74 18.69 -24.79
CA ALA A 195 16.40 18.70 -26.20
C ALA A 195 15.20 19.60 -26.46
N SER A 196 14.16 19.47 -25.64
CA SER A 196 12.99 20.31 -25.79
C SER A 196 13.22 21.73 -25.29
N ARG A 197 14.26 21.95 -24.49
CA ARG A 197 14.56 23.28 -23.98
C ARG A 197 15.15 24.21 -25.04
N MET A 198 15.37 23.72 -26.26
CA MET A 198 15.94 24.54 -27.33
C MET A 198 15.12 24.55 -28.61
N ASP A 199 14.13 23.68 -28.76
CA ASP A 199 13.30 23.65 -29.96
C ASP A 199 12.06 24.52 -29.78
N ILE B 41 -24.40 -10.91 10.85
CA ILE B 41 -23.69 -11.78 11.77
C ILE B 41 -24.08 -13.24 11.53
N SER B 42 -24.10 -13.63 10.25
CA SER B 42 -24.53 -14.98 9.90
C SER B 42 -23.48 -16.01 10.33
N PRO B 43 -23.90 -17.22 10.69
CA PRO B 43 -22.92 -18.27 11.03
C PRO B 43 -21.96 -18.59 9.90
N GLN B 44 -22.42 -18.52 8.65
CA GLN B 44 -21.54 -18.83 7.53
C GLN B 44 -20.38 -17.84 7.44
N LEU B 45 -20.68 -16.55 7.50
CA LEU B 45 -19.63 -15.53 7.42
C LEU B 45 -18.67 -15.63 8.59
N LEU B 46 -19.17 -15.90 9.79
CA LEU B 46 -18.32 -15.97 10.96
C LEU B 46 -17.27 -17.06 10.80
N LEU B 47 -17.65 -18.20 10.21
CA LEU B 47 -16.68 -19.28 10.00
C LEU B 47 -15.65 -18.89 8.95
N ALA B 48 -16.08 -18.21 7.89
CA ALA B 48 -15.15 -17.82 6.84
C ALA B 48 -14.05 -16.92 7.38
N MET B 49 -14.43 -15.86 8.10
CA MET B 49 -13.43 -14.96 8.68
C MET B 49 -12.56 -15.69 9.69
N HIS B 50 -13.15 -16.62 10.45
CA HIS B 50 -12.36 -17.40 11.39
C HIS B 50 -11.29 -18.21 10.66
N ARG B 51 -11.68 -18.92 9.61
CA ARG B 51 -10.71 -19.69 8.84
C ARG B 51 -9.66 -18.79 8.21
N PHE B 52 -10.08 -17.61 7.75
CA PHE B 52 -9.14 -16.69 7.11
C PHE B 52 -8.06 -16.23 8.08
N LEU B 53 -8.48 -15.70 9.24
CA LEU B 53 -7.52 -15.23 10.23
C LEU B 53 -6.61 -16.36 10.70
N ALA B 54 -7.19 -17.51 11.01
CA ALA B 54 -6.41 -18.62 11.55
C ALA B 54 -5.38 -19.15 10.55
N THR B 55 -5.61 -18.95 9.25
CA THR B 55 -4.72 -19.47 8.23
C THR B 55 -3.89 -18.40 7.52
N GLU B 56 -4.43 -17.20 7.33
CA GLU B 56 -3.75 -16.14 6.59
C GLU B 56 -2.96 -15.18 7.48
N VAL B 57 -3.50 -14.84 8.65
CA VAL B 57 -2.86 -13.90 9.57
C VAL B 57 -2.21 -14.71 10.68
N GLU B 58 -0.88 -14.65 10.78
CA GLU B 58 -0.18 -15.43 11.79
C GLU B 58 -0.53 -14.97 13.20
N ALA B 59 -0.88 -13.69 13.36
CA ALA B 59 -1.24 -13.20 14.69
C ALA B 59 -2.35 -14.01 15.30
N PHE B 60 -3.25 -14.56 14.47
CA PHE B 60 -4.33 -15.41 14.94
C PHE B 60 -4.10 -16.88 14.56
N SER B 61 -2.87 -17.24 14.24
CA SER B 61 -2.56 -18.61 13.90
C SER B 61 -2.76 -19.53 15.11
N PRO B 62 -3.09 -20.80 14.87
CA PRO B 62 -3.21 -21.74 16.00
C PRO B 62 -1.97 -21.80 16.87
N SER B 63 -0.80 -21.43 16.33
CA SER B 63 0.41 -21.40 17.14
C SER B 63 0.33 -20.31 18.21
N GLN B 64 -0.19 -19.14 17.85
CA GLN B 64 -0.31 -18.02 18.78
C GLN B 64 -1.61 -18.08 19.58
N MET B 65 -2.70 -18.51 18.95
CA MET B 65 -4.03 -18.46 19.56
C MET B 65 -4.83 -19.67 19.12
N SER B 66 -5.29 -20.46 20.07
CA SER B 66 -6.11 -21.63 19.74
C SER B 66 -7.37 -21.21 19.00
N GLU B 67 -7.83 -22.08 18.11
CA GLU B 67 -9.01 -21.76 17.31
C GLU B 67 -10.25 -21.58 18.19
N LYS B 68 -10.32 -22.28 19.31
CA LYS B 68 -11.45 -22.13 20.23
C LYS B 68 -11.49 -20.71 20.78
N ILE B 69 -10.34 -20.19 21.23
CA ILE B 69 -10.30 -18.85 21.78
C ILE B 69 -10.59 -17.81 20.70
N LEU B 70 -10.03 -18.00 19.51
CA LEU B 70 -10.27 -17.06 18.43
C LEU B 70 -11.76 -16.85 18.20
N LEU B 71 -12.52 -17.94 18.11
CA LEU B 71 -13.96 -17.84 17.89
C LEU B 71 -14.63 -17.06 19.02
N ARG B 72 -14.22 -17.33 20.27
CA ARG B 72 -14.76 -16.59 21.40
C ARG B 72 -14.43 -15.10 21.28
N LEU B 73 -13.20 -14.79 20.87
CA LEU B 73 -12.80 -13.39 20.71
C LEU B 73 -13.66 -12.68 19.67
N LEU B 74 -13.99 -13.37 18.58
CA LEU B 74 -14.79 -12.75 17.52
C LEU B 74 -16.22 -12.52 17.98
N LYS B 75 -16.78 -13.46 18.76
CA LYS B 75 -18.12 -13.29 19.30
C LYS B 75 -18.15 -12.36 20.50
N HIS B 76 -16.99 -11.90 20.98
CA HIS B 76 -16.97 -10.95 22.07
C HIS B 76 -17.74 -9.69 21.68
N PRO B 77 -18.44 -9.04 22.60
CA PRO B 77 -19.22 -7.86 22.23
C PRO B 77 -18.34 -6.73 21.71
N ASN B 78 -18.84 -6.06 20.66
CA ASN B 78 -18.23 -4.89 20.02
C ASN B 78 -16.96 -5.24 19.24
N VAL B 79 -16.56 -6.51 19.17
CA VAL B 79 -15.47 -6.88 18.26
C VAL B 79 -15.93 -6.77 16.82
N ILE B 80 -17.16 -7.19 16.54
CA ILE B 80 -17.79 -6.98 15.23
C ILE B 80 -18.64 -5.72 15.33
N GLN B 81 -18.40 -4.78 14.41
CA GLN B 81 -19.06 -3.49 14.44
C GLN B 81 -19.57 -3.14 13.05
N GLU B 82 -20.47 -2.17 13.01
CA GLU B 82 -21.02 -1.63 11.78
C GLU B 82 -20.81 -0.13 11.73
N LEU B 83 -21.04 0.45 10.54
CA LEU B 83 -20.83 1.89 10.35
C LEU B 83 -21.72 2.34 9.19
N LYS B 84 -22.66 3.22 9.47
CA LYS B 84 -23.55 3.73 8.44
C LYS B 84 -22.88 4.87 7.69
N TYR B 85 -22.91 4.79 6.36
CA TYR B 85 -22.23 5.77 5.52
C TYR B 85 -23.20 6.86 5.09
N ASP B 86 -22.70 8.10 5.06
CA ASP B 86 -23.50 9.27 4.67
C ASP B 86 -22.78 9.93 3.49
N GLU B 87 -23.37 9.82 2.30
CA GLU B 87 -22.77 10.44 1.12
C GLU B 87 -22.63 11.94 1.27
N LYS B 88 -23.52 12.57 2.06
CA LYS B 88 -23.46 14.01 2.22
C LYS B 88 -22.28 14.43 3.09
N ASN B 89 -22.05 13.74 4.20
CA ASN B 89 -20.97 14.08 5.12
C ASN B 89 -19.77 13.17 4.95
N LYS B 90 -19.32 12.99 3.71
CA LYS B 90 -18.17 12.16 3.44
C LYS B 90 -16.92 12.76 4.08
N LYS B 91 -15.86 11.97 4.13
CA LYS B 91 -14.58 12.40 4.71
C LYS B 91 -14.76 12.87 6.15
N ALA B 92 -15.72 12.29 6.86
CA ALA B 92 -15.97 12.65 8.25
C ALA B 92 -15.02 11.89 9.17
N PRO B 93 -14.77 12.42 10.37
CA PRO B 93 -13.85 11.70 11.28
C PRO B 93 -14.39 10.35 11.73
N GLU B 94 -15.72 10.19 11.79
CA GLU B 94 -16.31 8.91 12.15
C GLU B 94 -16.14 7.86 11.07
N TYR B 95 -15.72 8.26 9.86
CA TYR B 95 -15.53 7.34 8.76
C TYR B 95 -14.06 7.04 8.46
N TYR B 96 -13.16 7.42 9.37
CA TYR B 96 -11.73 7.13 9.23
C TYR B 96 -11.38 6.02 10.21
N LEU B 97 -11.18 4.81 9.69
CA LEU B 97 -10.71 3.71 10.53
C LEU B 97 -9.25 3.87 10.91
N TYR B 98 -8.47 4.53 10.06
CA TYR B 98 -7.07 4.81 10.35
C TYR B 98 -6.71 6.14 9.72
N GLN B 99 -5.87 6.91 10.42
CA GLN B 99 -5.40 8.21 9.95
C GLN B 99 -3.90 8.26 10.02
N ARG B 100 -3.29 8.78 8.95
CA ARG B 100 -1.84 8.87 8.87
C ARG B 100 -1.28 9.63 10.06
N ASN B 101 -0.18 9.12 10.60
CA ASN B 101 0.52 9.76 11.72
C ASN B 101 -0.40 10.00 12.91
N LYS B 102 -1.37 9.12 13.10
CA LYS B 102 -2.27 9.18 14.25
C LYS B 102 -2.17 7.88 15.03
N PRO B 103 -1.65 7.89 16.25
CA PRO B 103 -1.50 6.63 17.00
C PRO B 103 -2.80 5.83 17.03
N VAL B 104 -2.66 4.51 16.93
CA VAL B 104 -3.79 3.60 16.94
C VAL B 104 -3.38 2.35 17.69
N ASP B 105 -4.37 1.65 18.25
CA ASP B 105 -4.10 0.48 19.08
C ASP B 105 -5.06 -0.66 18.79
N TYR B 106 -5.55 -0.78 17.55
CA TYR B 106 -6.49 -1.82 17.22
C TYR B 106 -6.25 -2.36 15.82
N PHE B 107 -6.81 -3.54 15.58
CA PHE B 107 -6.72 -4.25 14.31
C PHE B 107 -8.11 -4.29 13.69
N VAL B 108 -8.16 -4.27 12.36
CA VAL B 108 -9.42 -4.25 11.63
C VAL B 108 -9.41 -5.31 10.54
N LEU B 109 -10.55 -5.96 10.34
CA LEU B 109 -10.76 -6.88 9.23
C LEU B 109 -12.11 -6.55 8.60
N ILE B 110 -12.08 -6.00 7.38
CA ILE B 110 -13.30 -5.66 6.69
C ILE B 110 -14.06 -6.93 6.34
N LEU B 111 -15.35 -6.96 6.68
CA LEU B 111 -16.23 -8.06 6.31
C LEU B 111 -17.12 -7.73 5.12
N GLN B 112 -17.68 -6.52 5.08
CA GLN B 112 -18.47 -6.09 3.94
C GLN B 112 -18.29 -4.58 3.76
N GLY B 113 -18.25 -4.15 2.51
CA GLY B 113 -18.11 -2.75 2.16
C GLY B 113 -16.77 -2.47 1.49
N LYS B 114 -16.62 -1.21 1.10
CA LYS B 114 -15.42 -0.74 0.42
C LYS B 114 -14.81 0.42 1.20
N VAL B 115 -13.48 0.48 1.21
CA VAL B 115 -12.74 1.56 1.86
C VAL B 115 -11.66 2.06 0.91
N GLU B 116 -11.30 3.33 1.07
CA GLU B 116 -10.18 3.92 0.35
C GLU B 116 -8.97 3.95 1.25
N VAL B 117 -7.84 3.46 0.75
CA VAL B 117 -6.61 3.34 1.52
C VAL B 117 -5.55 4.22 0.89
N GLU B 118 -4.94 5.09 1.71
CA GLU B 118 -3.84 5.96 1.29
C GLU B 118 -2.58 5.45 1.99
N ALA B 119 -1.71 4.79 1.24
CA ALA B 119 -0.58 4.06 1.80
C ALA B 119 0.76 4.71 1.47
N GLY B 120 1.65 4.76 2.47
CA GLY B 120 3.05 5.07 2.23
C GLY B 120 3.35 6.56 2.17
N LYS B 121 4.64 6.84 1.97
CA LYS B 121 5.11 8.22 1.90
C LYS B 121 4.45 8.97 0.76
N GLU B 122 4.34 8.33 -0.41
CA GLU B 122 3.76 8.97 -1.59
C GLU B 122 2.24 8.90 -1.62
N GLY B 123 1.62 8.27 -0.62
CA GLY B 123 0.17 8.19 -0.57
C GLY B 123 -0.47 7.51 -1.76
N MET B 124 0.01 6.32 -2.10
CA MET B 124 -0.57 5.55 -3.18
C MET B 124 -1.99 5.12 -2.80
N LYS B 125 -2.98 5.58 -3.56
CA LYS B 125 -4.38 5.29 -3.26
C LYS B 125 -4.80 4.00 -3.94
N PHE B 126 -5.63 3.22 -3.25
CA PHE B 126 -6.19 2.01 -3.81
C PHE B 126 -7.44 1.64 -3.02
N GLU B 127 -8.25 0.77 -3.61
CA GLU B 127 -9.51 0.36 -3.02
C GLU B 127 -9.39 -1.04 -2.46
N ALA B 128 -9.96 -1.26 -1.28
CA ALA B 128 -9.94 -2.55 -0.63
C ALA B 128 -11.35 -2.89 -0.13
N SER B 129 -11.65 -4.19 -0.12
CA SER B 129 -12.98 -4.67 0.26
C SER B 129 -12.88 -5.72 1.35
N ALA B 130 -13.73 -6.75 1.27
CA ALA B 130 -13.78 -7.75 2.32
C ALA B 130 -12.46 -8.49 2.46
N PHE B 131 -12.14 -8.86 3.70
CA PHE B 131 -10.96 -9.64 4.05
C PHE B 131 -9.65 -8.89 3.80
N SER B 132 -9.69 -7.57 3.72
CA SER B 132 -8.50 -6.74 3.83
C SER B 132 -8.36 -6.30 5.28
N TYR B 133 -7.19 -6.55 5.86
CA TYR B 133 -6.97 -6.27 7.27
C TYR B 133 -5.90 -5.20 7.44
N TYR B 134 -5.92 -4.56 8.61
CA TYR B 134 -5.07 -3.41 8.88
C TYR B 134 -4.64 -3.42 10.33
N GLY B 135 -3.39 -3.02 10.57
CA GLY B 135 -2.93 -2.77 11.92
C GLY B 135 -2.61 -4.00 12.74
N VAL B 136 -2.11 -5.06 12.12
CA VAL B 136 -1.72 -6.24 12.89
C VAL B 136 -0.61 -5.89 13.86
N MET B 137 0.35 -5.06 13.43
CA MET B 137 1.45 -4.69 14.31
C MET B 137 0.94 -3.97 15.55
N ALA B 138 -0.20 -3.30 15.45
CA ALA B 138 -0.78 -2.68 16.64
C ALA B 138 -0.98 -3.69 17.75
N LEU B 139 -1.19 -4.96 17.40
CA LEU B 139 -1.38 -6.02 18.37
C LEU B 139 -0.07 -6.67 18.79
N THR B 140 0.73 -7.09 17.81
CA THR B 140 1.90 -7.93 18.06
C THR B 140 3.20 -7.16 18.26
N ALA B 141 3.21 -5.86 18.03
CA ALA B 141 4.42 -5.08 18.25
C ALA B 141 4.84 -5.18 19.71
N SER B 142 6.16 -5.37 19.94
CA SER B 142 6.66 -5.52 21.30
C SER B 142 7.01 -4.16 21.89
N PRO B 143 6.90 -3.98 23.21
CA PRO B 143 7.19 -2.67 23.81
C PRO B 143 8.67 -2.32 23.70
N VAL B 144 8.96 -1.06 23.98
CA VAL B 144 10.34 -0.60 24.00
C VAL B 144 11.08 -1.28 25.16
N ILE B 145 12.36 -1.56 24.94
CA ILE B 145 13.15 -2.30 25.91
C ILE B 145 13.57 -1.35 27.02
N ASP B 146 13.58 -1.86 28.25
CA ASP B 146 13.93 -1.06 29.43
C ASP B 146 13.21 0.29 29.40
N ALA B 147 11.91 0.23 29.12
CA ALA B 147 11.07 1.42 29.05
C ALA B 147 9.96 1.30 30.08
N VAL B 148 9.72 2.39 30.81
CA VAL B 148 8.70 2.41 31.86
C VAL B 148 7.41 3.07 31.40
N THR B 149 7.43 3.78 30.28
CA THR B 149 6.25 4.49 29.82
C THR B 149 5.13 3.50 29.48
N PRO B 150 3.87 3.88 29.69
CA PRO B 150 2.77 2.95 29.42
C PRO B 150 2.42 2.90 27.94
N THR B 151 1.83 1.76 27.56
CA THR B 151 1.38 1.56 26.19
C THR B 151 -0.01 2.12 26.01
N LEU B 152 -0.28 2.63 24.81
CA LEU B 152 -1.59 3.17 24.49
C LEU B 152 -2.62 2.05 24.49
N GLY B 153 -3.63 2.16 25.33
CA GLY B 153 -4.67 1.15 25.42
C GLY B 153 -4.66 0.39 26.72
N SER B 154 -3.48 -0.06 27.15
CA SER B 154 -3.37 -0.83 28.39
C SER B 154 -3.77 0.01 29.59
N SER B 155 -3.51 1.33 29.54
CA SER B 155 -3.90 2.23 30.62
C SER B 155 -3.23 1.86 31.94
N ASN B 156 -1.91 1.66 31.89
CA ASN B 156 -1.11 1.37 33.07
C ASN B 156 -0.48 2.69 33.53
N ASN B 157 -1.32 3.53 34.15
CA ASN B 157 -0.93 4.87 34.57
C ASN B 157 -0.84 5.83 33.39
N GLN B 158 -1.59 5.54 32.32
CA GLN B 158 -1.59 6.36 31.13
C GLN B 158 -2.27 7.71 31.35
N LEU B 159 -3.20 7.80 32.31
CA LEU B 159 -4.03 8.98 32.45
C LEU B 159 -3.22 10.25 32.72
N ASN B 160 -2.00 10.12 33.26
CA ASN B 160 -1.22 11.28 33.66
C ASN B 160 0.15 11.34 33.02
N SER B 161 0.53 10.34 32.22
CA SER B 161 1.83 10.33 31.56
C SER B 161 1.71 10.87 30.14
N SER B 162 2.70 11.67 29.74
CA SER B 162 2.73 12.23 28.39
C SER B 162 3.56 11.40 27.43
N LEU B 163 4.52 10.61 27.94
CA LEU B 163 5.26 9.67 27.11
C LEU B 163 4.47 8.38 26.98
N LEU B 164 4.16 7.98 25.75
CA LEU B 164 3.35 6.80 25.48
C LEU B 164 3.98 5.98 24.38
N GLN B 165 4.09 4.67 24.59
CA GLN B 165 4.49 3.76 23.52
C GLN B 165 3.29 3.54 22.61
N VAL B 166 3.45 3.87 21.32
CA VAL B 166 2.35 3.85 20.37
C VAL B 166 2.74 3.12 19.10
N TYR B 167 1.72 2.67 18.38
CA TYR B 167 1.84 2.17 17.02
C TYR B 167 1.26 3.24 16.09
N ILE B 168 2.06 3.70 15.13
CA ILE B 168 1.63 4.81 14.27
C ILE B 168 1.49 4.31 12.83
N PRO B 169 0.27 4.28 12.27
CA PRO B 169 0.12 3.74 10.91
C PRO B 169 0.64 4.72 9.87
N ASP B 170 1.38 4.18 8.90
CA ASP B 170 1.81 4.94 7.73
C ASP B 170 0.77 4.93 6.63
N TYR B 171 -0.50 5.09 6.98
CA TYR B 171 -1.57 5.01 5.99
C TYR B 171 -2.84 5.61 6.58
N SER B 172 -3.84 5.76 5.71
CA SER B 172 -5.17 6.22 6.11
C SER B 172 -6.22 5.31 5.48
N VAL B 173 -7.33 5.13 6.20
CA VAL B 173 -8.43 4.28 5.76
C VAL B 173 -9.72 5.06 5.93
N ARG B 174 -10.40 5.33 4.82
CA ARG B 174 -11.65 6.07 4.82
C ARG B 174 -12.78 5.20 4.29
N ALA B 175 -13.96 5.33 4.89
CA ALA B 175 -15.10 4.51 4.51
C ALA B 175 -15.76 5.09 3.26
N LEU B 176 -15.99 4.23 2.26
CA LEU B 176 -16.69 4.62 1.05
C LEU B 176 -18.15 4.20 1.05
N SER B 177 -18.55 3.28 1.92
CA SER B 177 -19.92 2.80 1.97
C SER B 177 -20.17 2.23 3.37
N ASP B 178 -21.38 1.73 3.58
CA ASP B 178 -21.68 1.04 4.83
C ASP B 178 -20.67 -0.07 5.06
N LEU B 179 -20.18 -0.16 6.30
CA LEU B 179 -19.11 -1.08 6.65
C LEU B 179 -19.55 -2.04 7.75
N GLN B 180 -19.21 -3.31 7.58
CA GLN B 180 -19.25 -4.31 8.63
C GLN B 180 -17.85 -4.89 8.74
N PHE B 181 -17.28 -4.84 9.94
CA PHE B 181 -15.86 -5.17 10.09
C PHE B 181 -15.58 -5.66 11.50
N VAL B 182 -14.42 -6.27 11.66
CA VAL B 182 -13.92 -6.74 12.94
C VAL B 182 -13.03 -5.64 13.51
N LYS B 183 -13.03 -5.51 14.83
CA LYS B 183 -12.17 -4.55 15.51
C LYS B 183 -11.65 -5.20 16.77
N ILE B 184 -10.34 -5.45 16.80
CA ILE B 184 -9.69 -6.11 17.92
C ILE B 184 -8.59 -5.18 18.42
N SER B 185 -8.69 -4.77 19.68
CA SER B 185 -7.70 -3.91 20.27
C SER B 185 -6.50 -4.73 20.75
N ARG B 186 -5.38 -4.03 20.95
CA ARG B 186 -4.20 -4.69 21.49
C ARG B 186 -4.51 -5.39 22.81
N GLN B 187 -5.30 -4.73 23.67
CA GLN B 187 -5.62 -5.31 24.96
C GLN B 187 -6.51 -6.53 24.80
N GLN B 188 -7.53 -6.45 23.94
CA GLN B 188 -8.37 -7.61 23.68
C GLN B 188 -7.53 -8.77 23.12
N TYR B 189 -6.55 -8.44 22.28
CA TYR B 189 -5.71 -9.49 21.69
C TYR B 189 -4.81 -10.11 22.76
N GLN B 190 -4.19 -9.28 23.60
CA GLN B 190 -3.32 -9.80 24.65
C GLN B 190 -4.10 -10.66 25.63
N ASN B 191 -5.36 -10.27 25.92
CA ASN B 191 -6.19 -11.09 26.80
C ASN B 191 -6.49 -12.43 26.17
N ALA B 192 -6.68 -12.46 24.84
CA ALA B 192 -6.92 -13.72 24.15
C ALA B 192 -5.70 -14.63 24.24
N LEU B 193 -4.50 -14.06 24.17
CA LEU B 193 -3.29 -14.85 24.31
C LEU B 193 -3.20 -15.50 25.68
N MET B 194 -3.43 -14.71 26.73
CA MET B 194 -3.38 -15.25 28.08
C MET B 194 -4.39 -16.37 28.27
N ALA B 195 -5.59 -16.20 27.70
CA ALA B 195 -6.61 -17.25 27.80
C ALA B 195 -6.12 -18.55 27.16
N SER B 196 -5.52 -18.46 25.96
CA SER B 196 -5.04 -19.65 25.29
C SER B 196 -3.76 -20.20 25.92
N ARG B 197 -3.09 -19.41 26.75
CA ARG B 197 -1.87 -19.85 27.43
C ARG B 197 -2.15 -20.85 28.55
N MET B 198 -3.41 -21.19 28.79
CA MET B 198 -3.76 -22.11 29.87
C MET B 198 -4.53 -23.31 29.31
#